data_4BOE
#
_entry.id   4BOE
#
_cell.length_a   84.330
_cell.length_b   84.330
_cell.length_c   90.520
_cell.angle_alpha   90.00
_cell.angle_beta   90.00
_cell.angle_gamma   90.00
#
_symmetry.space_group_name_H-M   'P 41 21 2'
#
loop_
_entity.id
_entity.type
_entity.pdbx_description
1 polymer JAPANIN
2 branched alpha-D-mannopyranose-(1-4)-2-acetamido-2-deoxy-beta-D-glucopyranose-(1-4)-[alpha-L-fucopyranose-(1-6)]2-acetamido-2-deoxy-beta-D-glucopyranose
3 non-polymer CHOLESTEROL
4 non-polymer (4S)-2-METHYL-2,4-PENTANEDIOL
5 non-polymer IMIDAZOLE
6 non-polymer 2-acetamido-2-deoxy-beta-D-glucopyranose
7 water water
#
_entity_poly.entity_id   1
_entity_poly.type   'polypeptide(L)'
_entity_poly.pdbx_seq_one_letter_code
;TPSMPAINTQTLYLAGHSSKLFERNVGCVKTRYLNQTGDWVTRSLIYVFTFDTEPWVTQAGAFQVKWEPYSPLLRVKASD
YVRDNLGAKPDYFIRTYDNDFLLLSDLKEVRSTCSLWVTLKYVDRIPETINRTFYTICPDPVPVPFDERCYPGGHHHHHH
;
_entity_poly.pdbx_strand_id   A
#
loop_
_chem_comp.id
_chem_comp.type
_chem_comp.name
_chem_comp.formula
CLR non-polymer CHOLESTEROL 'C27 H46 O'
FUC L-saccharide, alpha linking alpha-L-fucopyranose 'C6 H12 O5'
IMD non-polymer IMIDAZOLE 'C3 H5 N2 1'
MAN D-saccharide, alpha linking alpha-D-mannopyranose 'C6 H12 O6'
MPD non-polymer (4S)-2-METHYL-2,4-PENTANEDIOL 'C6 H14 O2'
NAG D-saccharide, beta linking 2-acetamido-2-deoxy-beta-D-glucopyranose 'C8 H15 N O6'
#
# COMPACT_ATOMS: atom_id res chain seq x y z
N THR A 1 -21.84 -5.88 -3.37
CA THR A 1 -20.47 -6.12 -3.82
C THR A 1 -19.44 -5.78 -2.72
N PRO A 2 -18.19 -6.28 -2.83
CA PRO A 2 -17.14 -5.98 -1.83
C PRO A 2 -16.88 -4.51 -1.64
N SER A 3 -16.42 -4.16 -0.44
CA SER A 3 -16.13 -2.76 -0.10
C SER A 3 -14.67 -2.42 -0.53
N MET A 4 -14.44 -1.24 -1.20
CA MET A 4 -13.12 -0.83 -1.68
C MET A 4 -12.19 -0.49 -0.48
N PRO A 5 -11.10 -1.27 -0.26
CA PRO A 5 -10.27 -1.07 0.94
C PRO A 5 -9.57 0.29 1.16
N ALA A 6 -9.15 0.97 0.07
CA ALA A 6 -8.48 2.28 0.13
C ALA A 6 -9.26 3.36 0.87
N ILE A 7 -10.59 3.38 0.72
CA ILE A 7 -11.48 4.36 1.37
C ILE A 7 -12.24 3.77 2.56
N ASN A 8 -11.85 2.57 2.98
CA ASN A 8 -12.41 1.87 4.10
C ASN A 8 -11.53 2.10 5.32
N THR A 9 -12.04 1.72 6.48
CA THR A 9 -11.45 1.99 7.78
C THR A 9 -10.49 0.97 8.33
N GLN A 10 -10.22 -0.12 7.60
CA GLN A 10 -9.25 -1.12 8.07
C GLN A 10 -7.84 -0.75 7.65
N THR A 11 -6.87 -1.09 8.48
CA THR A 11 -5.46 -0.84 8.19
C THR A 11 -5.03 -1.77 7.07
N LEU A 12 -4.23 -1.25 6.13
CA LEU A 12 -3.70 -2.01 5.01
C LEU A 12 -2.19 -2.15 5.15
N TYR A 13 -1.66 -3.34 4.84
CA TYR A 13 -0.27 -3.68 4.95
C TYR A 13 0.29 -4.01 3.58
N LEU A 14 1.51 -3.49 3.28
CA LEU A 14 2.18 -3.76 2.03
C LEU A 14 2.68 -5.20 2.05
N ALA A 15 2.16 -6.02 1.14
CA ALA A 15 2.49 -7.45 1.09
C ALA A 15 3.40 -7.78 -0.08
N GLY A 16 3.48 -6.91 -1.08
CA GLY A 16 4.31 -7.19 -2.25
C GLY A 16 4.44 -5.95 -3.09
N HIS A 17 5.53 -5.84 -3.85
CA HIS A 17 5.76 -4.72 -4.75
C HIS A 17 6.76 -5.10 -5.84
N SER A 18 6.85 -4.28 -6.88
CA SER A 18 7.83 -4.45 -7.96
C SER A 18 9.20 -4.02 -7.41
N SER A 19 10.28 -4.78 -7.69
CA SER A 19 11.65 -4.48 -7.16
C SER A 19 12.11 -3.05 -7.37
N LYS A 20 11.79 -2.44 -8.50
CA LYS A 20 12.19 -1.07 -8.82
C LYS A 20 11.76 -0.04 -7.75
N LEU A 21 10.63 -0.29 -7.06
CA LEU A 21 10.13 0.61 -6.03
C LEU A 21 10.91 0.54 -4.70
N PHE A 22 11.62 -0.58 -4.47
CA PHE A 22 12.35 -0.92 -3.27
C PHE A 22 13.17 0.23 -2.63
N GLU A 23 12.91 0.51 -1.34
CA GLU A 23 13.62 1.50 -0.53
C GLU A 23 14.37 0.72 0.54
N ARG A 24 15.70 0.82 0.53
CA ARG A 24 16.57 0.14 1.49
C ARG A 24 16.29 0.70 2.89
N ASN A 25 16.22 -0.16 3.88
CA ASN A 25 16.00 0.20 5.29
C ASN A 25 14.55 0.60 5.62
N VAL A 26 13.60 0.40 4.72
CA VAL A 26 12.19 0.71 4.98
C VAL A 26 11.44 -0.59 5.23
N GLY A 27 10.81 -0.71 6.38
CA GLY A 27 10.06 -1.93 6.71
C GLY A 27 8.76 -1.60 7.37
N CYS A 28 7.97 -2.63 7.69
CA CYS A 28 6.69 -2.51 8.40
C CYS A 28 5.74 -1.48 7.74
N VAL A 29 5.70 -1.41 6.38
CA VAL A 29 4.89 -0.41 5.63
C VAL A 29 3.42 -0.75 5.72
N LYS A 30 2.65 0.22 6.19
CA LYS A 30 1.22 0.08 6.38
C LYS A 30 0.52 1.43 6.32
N THR A 31 -0.79 1.40 6.16
CA THR A 31 -1.57 2.63 6.12
C THR A 31 -2.81 2.51 7.01
N ARG A 32 -3.01 3.47 7.93
CA ARG A 32 -4.18 3.51 8.79
C ARG A 32 -5.12 4.60 8.33
N TYR A 33 -6.41 4.37 8.51
CA TYR A 33 -7.46 5.31 8.21
C TYR A 33 -7.45 6.36 9.33
N LEU A 34 -7.55 7.63 8.97
CA LEU A 34 -7.60 8.71 10.00
C LEU A 34 -8.96 9.36 10.00
N ASN A 35 -9.41 9.86 8.87
CA ASN A 35 -10.73 10.50 8.82
C ASN A 35 -11.18 10.67 7.41
N GLN A 36 -12.33 11.27 7.25
CA GLN A 36 -12.87 11.59 5.94
C GLN A 36 -13.51 12.97 5.96
N THR A 37 -13.28 13.74 4.89
CA THR A 37 -13.91 15.05 4.67
C THR A 37 -14.36 15.07 3.22
N GLY A 38 -15.67 15.02 3.01
CA GLY A 38 -16.26 15.03 1.67
C GLY A 38 -15.91 13.74 0.96
N ASP A 39 -15.30 13.84 -0.23
CA ASP A 39 -14.89 12.68 -1.01
C ASP A 39 -13.47 12.18 -0.69
N TRP A 40 -12.72 12.89 0.18
CA TRP A 40 -11.35 12.55 0.49
C TRP A 40 -11.19 11.84 1.80
N VAL A 41 -10.50 10.70 1.80
CA VAL A 41 -10.18 9.96 3.01
C VAL A 41 -8.74 10.31 3.37
N THR A 42 -8.47 10.58 4.64
CA THR A 42 -7.12 10.86 5.08
C THR A 42 -6.62 9.60 5.72
N ARG A 43 -5.43 9.18 5.31
CA ARG A 43 -4.80 8.01 5.89
C ARG A 43 -3.35 8.39 6.28
N SER A 44 -2.78 7.64 7.17
CA SER A 44 -1.37 7.77 7.51
C SER A 44 -0.57 6.74 6.74
N LEU A 45 0.72 7.00 6.51
CA LEU A 45 1.67 6.07 5.95
C LEU A 45 2.64 5.83 7.09
N ILE A 46 2.68 4.62 7.62
CA ILE A 46 3.49 4.22 8.76
C ILE A 46 4.57 3.24 8.28
N TYR A 47 5.78 3.40 8.79
CA TYR A 47 6.90 2.50 8.46
C TYR A 47 8.00 2.64 9.47
N VAL A 48 8.96 1.76 9.42
CA VAL A 48 10.16 1.87 10.23
C VAL A 48 11.35 2.12 9.27
N PHE A 49 12.25 3.01 9.66
CA PHE A 49 13.50 3.24 8.96
C PHE A 49 14.52 2.63 9.91
N THR A 50 15.19 1.58 9.49
CA THR A 50 16.06 0.83 10.36
C THR A 50 17.50 1.30 10.46
N PHE A 51 17.95 2.23 9.64
CA PHE A 51 19.34 2.65 9.71
C PHE A 51 19.56 3.86 10.64
N ASP A 52 20.38 3.66 11.68
CA ASP A 52 20.79 4.68 12.65
C ASP A 52 19.61 5.36 13.36
N THR A 53 18.61 4.57 13.67
CA THR A 53 17.39 5.02 14.30
C THR A 53 17.08 4.05 15.42
N GLU A 54 16.52 4.53 16.52
CA GLU A 54 16.18 3.68 17.66
C GLU A 54 15.09 2.66 17.26
N PRO A 55 15.23 1.40 17.71
CA PRO A 55 14.36 0.29 17.29
C PRO A 55 12.84 0.44 17.56
N TRP A 56 12.42 1.31 18.49
CA TRP A 56 11.02 1.53 18.85
C TRP A 56 10.33 2.66 18.07
N VAL A 57 11.09 3.38 17.25
CA VAL A 57 10.60 4.57 16.55
C VAL A 57 9.85 4.21 15.29
N THR A 58 8.66 4.76 15.12
CA THR A 58 7.87 4.60 13.90
C THR A 58 7.93 5.93 13.11
N GLN A 59 8.13 5.84 11.80
CA GLN A 59 8.10 6.99 10.90
C GLN A 59 6.65 7.13 10.46
N ALA A 60 6.16 8.35 10.29
CA ALA A 60 4.78 8.56 9.90
C ALA A 60 4.60 9.72 8.94
N GLY A 61 3.79 9.48 7.92
CA GLY A 61 3.45 10.44 6.91
C GLY A 61 1.96 10.42 6.77
N ALA A 62 1.44 11.22 5.89
CA ALA A 62 0.03 11.32 5.65
C ALA A 62 -0.27 11.64 4.22
N PHE A 63 -1.44 11.16 3.80
CA PHE A 63 -1.92 11.37 2.45
C PHE A 63 -3.45 11.28 2.42
N GLN A 64 -4.03 11.76 1.37
CA GLN A 64 -5.44 11.66 1.18
C GLN A 64 -5.72 10.86 -0.11
N VAL A 65 -6.85 10.13 -0.13
CA VAL A 65 -7.28 9.34 -1.28
C VAL A 65 -8.73 9.57 -1.61
N LYS A 66 -9.03 9.51 -2.89
CA LYS A 66 -10.37 9.64 -3.42
C LYS A 66 -10.63 8.50 -4.40
N TRP A 67 -11.79 7.84 -4.29
CA TRP A 67 -12.22 6.84 -5.27
C TRP A 67 -13.69 7.03 -5.65
N GLU A 68 -13.95 7.42 -6.89
CA GLU A 68 -15.32 7.53 -7.44
C GLU A 68 -15.78 6.07 -7.73
N PRO A 69 -17.05 5.69 -7.42
CA PRO A 69 -17.52 4.32 -7.67
C PRO A 69 -17.28 3.82 -9.08
N TYR A 70 -16.71 2.59 -9.15
CA TYR A 70 -16.34 1.90 -10.39
C TYR A 70 -15.25 2.59 -11.16
N SER A 71 -14.47 3.50 -10.53
CA SER A 71 -13.39 4.11 -11.29
C SER A 71 -12.20 3.16 -11.32
N PRO A 72 -11.43 3.16 -12.40
CA PRO A 72 -10.24 2.34 -12.46
C PRO A 72 -9.07 3.08 -11.85
N LEU A 73 -9.25 4.35 -11.44
CA LEU A 73 -8.21 5.15 -10.82
C LEU A 73 -8.45 5.43 -9.36
N LEU A 74 -7.38 5.34 -8.58
CA LEU A 74 -7.35 5.80 -7.21
C LEU A 74 -6.61 7.16 -7.26
N ARG A 75 -7.22 8.22 -6.75
CA ARG A 75 -6.59 9.56 -6.70
C ARG A 75 -5.84 9.69 -5.36
N VAL A 76 -4.59 10.15 -5.38
CA VAL A 76 -3.78 10.26 -4.16
C VAL A 76 -3.24 11.68 -4.05
N LYS A 77 -3.49 12.38 -2.91
CA LYS A 77 -2.91 13.71 -2.62
C LYS A 77 -2.00 13.47 -1.42
N ALA A 78 -0.78 13.15 -1.70
CA ALA A 78 0.20 12.83 -0.69
C ALA A 78 0.90 14.09 -0.18
N SER A 79 1.31 14.04 1.09
CA SER A 79 2.08 15.14 1.67
C SER A 79 3.37 15.35 0.88
N ASP A 80 3.92 16.52 1.01
CA ASP A 80 5.17 16.87 0.35
C ASP A 80 6.29 15.87 0.73
N TYR A 81 6.35 15.50 2.01
CA TYR A 81 7.34 14.54 2.50
C TYR A 81 7.21 13.19 1.79
N VAL A 82 5.97 12.65 1.71
CA VAL A 82 5.67 11.35 1.09
C VAL A 82 5.92 11.41 -0.43
N ARG A 83 5.56 12.52 -1.08
CA ARG A 83 5.84 12.70 -2.51
C ARG A 83 7.35 12.84 -2.79
N ASP A 84 8.04 13.60 -1.94
CA ASP A 84 9.48 13.82 -2.08
C ASP A 84 10.33 12.54 -1.82
N ASN A 85 10.05 11.83 -0.74
CA ASN A 85 10.87 10.69 -0.32
C ASN A 85 10.38 9.25 -0.62
N LEU A 86 9.07 9.01 -0.76
CA LEU A 86 8.56 7.65 -0.97
C LEU A 86 7.98 7.47 -2.36
N GLY A 87 8.13 8.48 -3.23
CA GLY A 87 7.74 8.42 -4.62
C GLY A 87 6.25 8.33 -4.88
N ALA A 88 5.38 8.78 -3.96
CA ALA A 88 3.93 8.69 -4.19
C ALA A 88 3.51 9.52 -5.43
N LYS A 89 2.66 8.92 -6.29
CA LYS A 89 2.13 9.52 -7.51
C LYS A 89 0.74 10.10 -7.23
N PRO A 90 0.23 10.98 -8.13
CA PRO A 90 -1.11 11.52 -7.93
C PRO A 90 -2.25 10.56 -8.30
N ASP A 91 -1.96 9.48 -9.03
CA ASP A 91 -2.97 8.50 -9.42
C ASP A 91 -2.38 7.12 -9.56
N TYR A 92 -3.19 6.11 -9.28
CA TYR A 92 -2.82 4.71 -9.44
C TYR A 92 -3.93 3.99 -10.15
N PHE A 93 -3.56 2.98 -10.92
CA PHE A 93 -4.52 2.13 -11.61
CA PHE A 93 -4.50 2.10 -11.62
C PHE A 93 -4.91 1.01 -10.64
N ILE A 94 -6.20 0.79 -10.45
CA ILE A 94 -6.72 -0.27 -9.59
C ILE A 94 -6.87 -1.51 -10.47
N ARG A 95 -6.04 -2.52 -10.23
CA ARG A 95 -6.08 -3.74 -11.03
C ARG A 95 -7.26 -4.55 -10.56
N THR A 96 -7.27 -4.83 -9.28
CA THR A 96 -8.38 -5.53 -8.68
C THR A 96 -8.39 -5.32 -7.16
N TYR A 97 -9.48 -5.70 -6.57
CA TYR A 97 -9.65 -5.57 -5.13
C TYR A 97 -10.76 -6.47 -4.65
N ASP A 98 -10.81 -6.65 -3.37
CA ASP A 98 -11.87 -7.35 -2.63
C ASP A 98 -11.93 -6.64 -1.24
N ASN A 99 -12.68 -7.20 -0.29
CA ASN A 99 -12.81 -6.62 1.04
C ASN A 99 -11.48 -6.49 1.77
N ASP A 100 -10.54 -7.44 1.52
CA ASP A 100 -9.33 -7.47 2.28
C ASP A 100 -8.05 -7.40 1.45
N PHE A 101 -8.13 -7.00 0.19
CA PHE A 101 -6.90 -6.77 -0.59
C PHE A 101 -7.11 -5.75 -1.70
N LEU A 102 -6.00 -5.11 -2.07
CA LEU A 102 -5.97 -4.12 -3.13
C LEU A 102 -4.67 -4.27 -3.92
N LEU A 103 -4.79 -4.28 -5.25
CA LEU A 103 -3.62 -4.38 -6.12
C LEU A 103 -3.60 -3.13 -7.02
N LEU A 104 -2.56 -2.29 -6.85
CA LEU A 104 -2.38 -1.03 -7.57
C LEU A 104 -1.23 -1.08 -8.53
N SER A 105 -1.32 -0.33 -9.63
CA SER A 105 -0.25 -0.25 -10.65
C SER A 105 0.04 1.21 -10.94
N ASP A 106 1.24 1.49 -11.41
CA ASP A 106 1.61 2.82 -11.87
C ASP A 106 0.91 3.16 -13.20
N LEU A 107 0.54 4.44 -13.39
CA LEU A 107 -0.13 4.93 -14.61
C LEU A 107 0.78 5.21 -15.79
N LYS A 108 1.89 5.93 -15.58
CA LYS A 108 2.76 6.42 -16.66
C LYS A 108 3.91 5.50 -17.12
N GLU A 109 4.23 4.44 -16.39
CA GLU A 109 5.31 3.54 -16.81
C GLU A 109 4.74 2.45 -17.75
N VAL A 110 5.46 2.14 -18.88
CA VAL A 110 5.06 1.08 -19.82
C VAL A 110 5.17 -0.27 -19.11
N ARG A 111 6.28 -0.48 -18.37
CA ARG A 111 6.49 -1.67 -17.54
C ARG A 111 6.00 -1.24 -16.15
N SER A 112 4.69 -1.19 -16.01
CA SER A 112 4.04 -0.65 -14.84
C SER A 112 4.37 -1.34 -13.48
N THR A 113 4.92 -0.56 -12.50
CA THR A 113 5.23 -1.08 -11.18
C THR A 113 3.94 -1.28 -10.41
N CYS A 114 3.98 -2.22 -9.49
CA CYS A 114 2.82 -2.60 -8.70
CA CYS A 114 2.91 -2.79 -8.71
C CYS A 114 3.09 -2.66 -7.21
N SER A 115 1.99 -2.63 -6.44
CA SER A 115 1.97 -2.75 -4.98
C SER A 115 0.70 -3.53 -4.59
N LEU A 116 0.87 -4.52 -3.71
CA LEU A 116 -0.19 -5.38 -3.19
C LEU A 116 -0.36 -5.03 -1.73
N TRP A 117 -1.60 -4.76 -1.32
CA TRP A 117 -1.97 -4.38 0.03
C TRP A 117 -3.01 -5.34 0.52
N VAL A 118 -2.87 -5.77 1.76
CA VAL A 118 -3.80 -6.68 2.39
C VAL A 118 -4.19 -6.13 3.76
N THR A 119 -5.33 -6.58 4.28
CA THR A 119 -5.68 -6.28 5.67
C THR A 119 -5.10 -7.34 6.60
N LEU A 120 -5.34 -7.18 7.91
CA LEU A 120 -4.86 -8.14 8.93
C LEU A 120 -5.27 -9.58 8.67
N LYS A 121 -6.40 -9.79 8.01
CA LYS A 121 -6.90 -11.11 7.67
C LYS A 121 -5.88 -11.97 6.92
N TYR A 122 -5.05 -11.36 6.04
CA TYR A 122 -4.12 -12.12 5.23
C TYR A 122 -2.64 -11.87 5.51
N VAL A 123 -2.26 -11.14 6.57
CA VAL A 123 -0.83 -10.80 6.77
C VAL A 123 0.10 -12.03 6.92
N ASP A 124 -0.37 -13.08 7.57
CA ASP A 124 0.49 -14.27 7.76
C ASP A 124 0.27 -15.32 6.64
N ARG A 125 -0.71 -15.12 5.76
CA ARG A 125 -1.01 -16.09 4.71
C ARG A 125 -1.81 -15.47 3.60
N ILE A 126 -1.12 -15.12 2.52
CA ILE A 126 -1.74 -14.54 1.34
C ILE A 126 -2.52 -15.66 0.66
N PRO A 127 -3.80 -15.47 0.33
CA PRO A 127 -4.54 -16.52 -0.42
C PRO A 127 -3.83 -16.81 -1.78
N GLU A 128 -3.87 -18.08 -2.25
CA GLU A 128 -3.21 -18.51 -3.50
C GLU A 128 -3.67 -17.71 -4.72
N THR A 129 -4.95 -17.39 -4.79
CA THR A 129 -5.51 -16.65 -5.91
C THR A 129 -4.95 -15.22 -6.04
N ILE A 130 -4.77 -14.52 -4.92
CA ILE A 130 -4.24 -13.15 -4.89
C ILE A 130 -2.78 -13.21 -5.22
N ASN A 131 -2.10 -14.19 -4.65
CA ASN A 131 -0.67 -14.39 -4.87
C ASN A 131 -0.41 -14.67 -6.36
N ARG A 132 -1.23 -15.53 -6.97
CA ARG A 132 -1.14 -15.84 -8.38
C ARG A 132 -1.37 -14.58 -9.24
N THR A 133 -2.38 -13.79 -8.93
CA THR A 133 -2.63 -12.51 -9.64
C THR A 133 -1.47 -11.56 -9.52
N PHE A 134 -0.94 -11.42 -8.33
CA PHE A 134 0.21 -10.54 -8.09
C PHE A 134 1.41 -10.96 -8.94
N TYR A 135 1.74 -12.26 -8.93
CA TYR A 135 2.88 -12.76 -9.72
C TYR A 135 2.63 -12.73 -11.24
N THR A 136 1.39 -12.75 -11.66
CA THR A 136 1.06 -12.61 -13.08
C THR A 136 1.25 -11.18 -13.61
N ILE A 137 0.66 -10.24 -12.94
CA ILE A 137 0.56 -8.84 -13.37
C ILE A 137 1.72 -7.93 -13.09
N CYS A 138 2.45 -8.20 -12.04
CA CYS A 138 3.52 -7.35 -11.50
CA CYS A 138 3.48 -7.30 -11.60
C CYS A 138 4.88 -7.63 -12.09
N PRO A 139 5.59 -6.62 -12.65
CA PRO A 139 6.96 -6.90 -13.12
C PRO A 139 7.88 -7.02 -11.90
N ASP A 140 8.82 -7.96 -11.92
CA ASP A 140 9.81 -8.16 -10.84
C ASP A 140 9.18 -8.17 -9.45
N PRO A 141 8.15 -9.02 -9.25
CA PRO A 141 7.45 -9.09 -7.96
C PRO A 141 8.39 -9.47 -6.78
N VAL A 142 8.34 -8.67 -5.71
CA VAL A 142 9.06 -8.88 -4.46
C VAL A 142 8.00 -9.08 -3.36
N PRO A 143 7.91 -10.28 -2.75
CA PRO A 143 6.99 -10.44 -1.61
C PRO A 143 7.61 -9.77 -0.35
N VAL A 144 6.77 -9.23 0.53
CA VAL A 144 7.24 -8.64 1.78
C VAL A 144 7.02 -9.77 2.81
N PRO A 145 8.08 -10.39 3.36
CA PRO A 145 7.87 -11.47 4.34
C PRO A 145 7.24 -11.01 5.64
N PHE A 146 6.46 -11.89 6.26
CA PHE A 146 5.83 -11.62 7.56
C PHE A 146 6.87 -11.39 8.65
N ASP A 147 6.65 -10.37 9.48
CA ASP A 147 7.55 -10.06 10.60
C ASP A 147 6.71 -9.64 11.81
N GLU A 148 6.72 -10.48 12.88
CA GLU A 148 6.01 -10.25 14.16
C GLU A 148 6.29 -8.88 14.75
N ARG A 149 7.50 -8.39 14.57
CA ARG A 149 7.96 -7.11 15.11
C ARG A 149 7.28 -5.87 14.51
N CYS A 150 6.59 -6.01 13.35
CA CYS A 150 5.91 -4.90 12.67
C CYS A 150 4.51 -4.60 13.23
N TYR A 151 4.13 -5.21 14.34
CA TYR A 151 2.80 -5.06 14.93
C TYR A 151 2.82 -4.58 16.36
N PRO A 152 1.75 -3.87 16.81
CA PRO A 152 1.64 -3.43 18.21
C PRO A 152 1.78 -4.61 19.18
N GLY A 153 2.40 -4.37 20.35
CA GLY A 153 2.63 -5.39 21.37
C GLY A 153 3.91 -6.17 21.04
N GLY A 154 3.77 -7.46 20.69
CA GLY A 154 4.93 -8.30 20.36
C GLY A 154 5.57 -7.95 19.01
C1 NAG B . 3.17 -17.17 -4.62
C2 NAG B . 3.59 -18.38 -3.78
C3 NAG B . 5.10 -18.59 -3.97
C4 NAG B . 5.42 -18.75 -5.45
C5 NAG B . 4.91 -17.53 -6.22
C6 NAG B . 5.11 -17.62 -7.71
C7 NAG B . 2.12 -18.56 -1.80
C8 NAG B . 1.85 -18.00 -0.43
N2 NAG B . 3.28 -18.17 -2.38
O3 NAG B . 5.50 -19.73 -3.24
O4 NAG B . 6.82 -18.88 -5.65
O5 NAG B . 3.49 -17.37 -6.00
O6 NAG B . 4.77 -18.90 -8.22
O7 NAG B . 1.31 -19.29 -2.37
H2 NAG B . 3.10 -19.28 -4.16
H3 NAG B . 5.65 -17.72 -3.59
H4 NAG B . 4.87 -19.63 -5.80
H5 NAG B . 5.44 -16.65 -5.87
H61 NAG B . 4.56 -16.84 -8.24
H62 NAG B . 6.16 -17.47 -7.94
H81 NAG B . 2.59 -18.34 0.29
H82 NAG B . 1.91 -16.91 -0.44
H83 NAG B . 0.86 -18.26 -0.05
HN2 NAG B . 3.98 -17.68 -1.83
HO3 NAG B . 5.63 -20.49 -3.87
C1 NAG B . 7.31 -20.02 -6.36
C2 NAG B . 8.74 -19.72 -6.80
C3 NAG B . 9.36 -20.95 -7.47
C4 NAG B . 9.26 -22.17 -6.56
C5 NAG B . 7.80 -22.37 -6.16
C6 NAG B . 7.59 -23.49 -5.16
C7 NAG B . 9.16 -17.36 -7.35
C8 NAG B . 9.37 -16.39 -8.47
N2 NAG B . 8.77 -18.59 -7.71
O3 NAG B . 10.71 -20.67 -7.78
O4 NAG B . 9.76 -23.33 -7.22
O5 NAG B . 7.30 -21.18 -5.53
O6 NAG B . 8.04 -23.12 -3.86
O7 NAG B . 9.34 -17.05 -6.18
H2 NAG B . 9.34 -19.51 -5.91
H3 NAG B . 8.82 -21.18 -8.40
H4 NAG B . 9.83 -21.96 -5.65
H5 NAG B . 7.21 -22.60 -7.04
H61 NAG B . 6.56 -23.82 -5.13
H62 NAG B . 8.21 -24.36 -5.42
H81 NAG B . 9.98 -16.82 -9.26
H82 NAG B . 8.42 -16.13 -8.93
H83 NAG B . 9.84 -15.46 -8.16
HN2 NAG B . 8.45 -18.76 -8.65
HO3 NAG B . 10.74 -20.45 -8.75
HO6 NAG B . 7.51 -22.33 -3.58
C1 MAN B . 11.12 -23.70 -7.00
C2 MAN B . 11.86 -23.76 -8.34
C3 MAN B . 11.57 -25.05 -9.11
C4 MAN B . 11.81 -26.27 -8.24
C5 MAN B . 10.95 -26.16 -6.97
C6 MAN B . 11.22 -27.28 -5.97
O2 MAN B . 13.27 -23.62 -8.13
O3 MAN B . 12.38 -25.12 -10.28
O4 MAN B . 11.46 -27.45 -8.95
O5 MAN B . 11.26 -24.94 -6.27
O6 MAN B . 11.01 -28.57 -6.54
H2 MAN B . 11.53 -22.93 -8.96
H3 MAN B . 10.56 -25.03 -9.51
H4 MAN B . 12.86 -26.33 -7.95
H5 MAN B . 9.89 -26.18 -7.22
H61 MAN B . 12.27 -27.30 -5.67
H62 MAN B . 10.63 -27.15 -5.07
HO2 MAN B . 13.70 -23.58 -9.02
HO3 MAN B . 12.33 -26.02 -10.70
HO4 MAN B . 11.94 -28.21 -8.53
HO6 MAN B . 11.25 -29.25 -5.86
C1 FUC B . 5.25 -19.17 -9.50
C2 FUC B . 4.98 -20.66 -9.83
C3 FUC B . 3.48 -20.91 -9.99
C4 FUC B . 2.88 -19.96 -11.00
C5 FUC B . 3.17 -18.52 -10.58
C6 FUC B . 2.67 -17.49 -11.57
O2 FUC B . 5.51 -21.50 -8.81
O3 FUC B . 3.25 -22.25 -10.38
O4 FUC B . 3.43 -20.24 -12.30
O5 FUC B . 4.59 -18.34 -10.46
H2 FUC B . 5.48 -20.89 -10.77
H3 FUC B . 3.00 -20.74 -9.02
H4 FUC B . 1.79 -20.11 -11.03
H5 FUC B . 2.66 -18.34 -9.64
H61 FUC B . 3.17 -17.57 -12.53
H62 FUC B . 1.58 -17.53 -11.72
H63 FUC B . 2.86 -16.47 -11.23
HO2 FUC B . 5.39 -22.43 -9.11
HO3 FUC B . 2.26 -22.39 -10.31
HO4 FUC B . 4.24 -19.68 -12.42
C1 CLR C . 7.73 1.58 0.51
C2 CLR C . 9.11 0.93 0.60
C3 CLR C . 9.16 -0.37 -0.18
C4 CLR C . 8.76 -0.14 -1.62
C5 CLR C . 7.44 0.59 -1.77
C6 CLR C . 6.50 0.12 -2.58
C7 CLR C . 5.17 0.76 -2.80
C8 CLR C . 5.11 2.20 -2.31
C9 CLR C . 5.78 2.29 -0.92
C10 CLR C . 7.27 1.87 -0.94
C11 CLR C . 5.54 3.67 -0.27
C12 CLR C . 4.09 4.12 -0.27
C13 CLR C . 3.46 4.10 -1.68
C14 CLR C . 3.66 2.67 -2.22
C15 CLR C . 2.80 2.65 -3.49
C16 CLR C . 1.56 3.44 -3.06
C17 CLR C . 1.92 4.16 -1.75
C18 CLR C . 4.11 5.18 -2.57
C19 CLR C . 8.19 2.96 -1.54
C20 CLR C . 1.21 5.53 -1.60
C21 CLR C . 1.55 6.25 -0.29
C22 CLR C . -0.31 5.37 -1.76
C23 CLR C . -0.99 4.24 -0.96
C24 CLR C . -2.47 4.19 -1.17
C25 CLR C . -3.29 3.03 -0.65
C26 CLR C . -2.64 1.87 0.04
C27 CLR C . -4.65 3.37 -0.09
O1 CLR C . 10.51 -0.86 -0.17
H11 CLR C . 7.00 0.94 1.01
H12 CLR C . 7.75 2.50 1.09
H21 CLR C . 9.34 0.73 1.64
H22 CLR C . 9.88 1.62 0.25
H3 CLR C . 8.57 -1.16 0.28
H41 CLR C . 8.73 -1.11 -2.13
H42 CLR C . 9.53 0.41 -2.16
H6 CLR C . 6.65 -0.79 -3.16
H71 CLR C . 4.43 0.14 -2.28
H72 CLR C . 4.87 0.72 -3.84
H8 CLR C . 5.65 2.82 -3.02
H9 CLR C . 5.26 1.57 -0.28
H111 CLR C . 5.88 3.66 0.77
H112 CLR C . 6.14 4.45 -0.75
H121 CLR C . 3.50 3.51 0.43
H122 CLR C . 4.05 5.12 0.14
H14 CLR C . 3.21 1.99 -1.51
H151 CLR C . 2.55 1.63 -3.79
H152 CLR C . 3.29 3.09 -4.34
H161 CLR C . 0.72 2.75 -2.94
H162 CLR C . 1.26 4.13 -3.85
H17 CLR C . 1.58 3.56 -0.90
H181 CLR C . 4.99 4.84 -3.12
H182 CLR C . 3.45 5.59 -3.33
H183 CLR C . 4.45 6.03 -1.97
H191 CLR C . 9.21 2.62 -1.75
H192 CLR C . 7.80 3.35 -2.47
H193 CLR C . 8.32 3.80 -0.87
H20 CLR C . 1.53 6.16 -2.43
H211 CLR C . 1.57 5.58 0.57
H212 CLR C . 2.52 6.74 -0.34
H213 CLR C . 0.84 7.04 -0.05
H221 CLR C . -0.55 5.27 -2.83
H222 CLR C . -0.82 6.30 -1.50
H231 CLR C . -0.77 4.36 0.11
H232 CLR C . -0.59 3.26 -1.23
H241 CLR C . -2.62 4.23 -2.25
H242 CLR C . -2.92 5.12 -0.84
H25 CLR C . -3.58 2.55 -1.58
H261 CLR C . -3.33 1.32 0.69
H262 CLR C . -2.30 1.14 -0.69
H263 CLR C . -1.79 2.13 0.65
H271 CLR C . -4.61 3.86 0.87
H272 CLR C . -5.21 4.03 -0.76
H273 CLR C . -5.29 2.49 0.00
H1 CLR C . 10.51 -1.80 -0.49
C1 MPD D . -12.93 -9.77 10.18
C2 MPD D . -12.67 -8.41 10.81
O2 MPD D . -13.54 -7.43 10.20
CM MPD D . -13.03 -8.46 12.28
C3 MPD D . -11.13 -7.97 10.68
C4 MPD D . -10.50 -7.61 9.28
O4 MPD D . -9.07 -7.44 9.35
C5 MPD D . -10.80 -8.62 8.20
H11 MPD D . -12.15 -10.50 10.43
H12 MPD D . -13.00 -9.75 9.10
H13 MPD D . -13.85 -10.19 10.56
HO2 MPD D . -13.29 -6.53 10.55
HM1 MPD D . -12.85 -7.51 12.78
HM2 MPD D . -12.45 -9.21 12.82
HM3 MPD D . -14.07 -8.71 12.43
H31 MPD D . -11.01 -7.10 11.33
H32 MPD D . -10.50 -8.72 11.17
H4 MPD D . -10.81 -6.62 8.96
HO4 MPD D . -8.79 -6.85 8.60
H51 MPD D . -10.79 -9.65 8.55
H52 MPD D . -11.75 -8.44 7.70
H53 MPD D . -10.04 -8.56 7.42
C1 MPD E . 2.98 -9.66 6.20
C2 MPD E . 3.04 -8.36 5.49
O2 MPD E . 4.22 -8.42 4.66
CM MPD E . 1.83 -8.20 4.60
C3 MPD E . 3.06 -7.14 6.50
C4 MPD E . 4.16 -7.10 7.66
O4 MPD E . 4.11 -8.23 8.55
C5 MPD E . 5.59 -6.90 7.17
H11 MPD E . 2.16 -9.70 6.89
H12 MPD E . 3.90 -9.84 6.74
H13 MPD E . 2.86 -10.47 5.49
HO2 MPD E . 4.15 -9.20 4.06
HM1 MPD E . 1.85 -8.88 3.76
HM2 MPD E . 0.90 -8.40 5.13
HM3 MPD E . 1.75 -7.19 4.20
H31 MPD E . 3.14 -6.25 5.90
H32 MPD E . 2.08 -7.04 6.93
H4 MPD E . 3.92 -6.30 8.37
HO4 MPD E . 3.17 -8.50 8.68
H51 MPD E . 5.94 -7.72 6.56
H52 MPD E . 5.70 -5.99 6.59
H53 MPD E . 6.29 -6.82 8.00
N1 IMD F . 6.37 -0.14 16.34
C2 IMD F . 6.05 -0.62 15.16
N3 IMD F . 7.14 -1.11 14.60
C4 IMD F . 8.19 -0.92 15.44
C5 IMD F . 7.71 -0.32 16.54
HN1 IMD F . 5.73 0.28 17.00
H2 IMD F . 5.06 -0.62 14.72
HN3 IMD F . 7.20 -1.54 13.68
H4 IMD F . 9.21 -1.23 15.21
H5 IMD F . 8.23 0.01 17.44
N1 IMD G . 21.14 2.60 18.07
C2 IMD G . 22.34 2.38 17.56
N3 IMD G . 22.22 2.29 16.25
C4 IMD G . 20.91 2.46 15.91
C5 IMD G . 20.23 2.66 17.06
HN1 IMD G . 20.92 2.72 19.05
H2 IMD G . 23.25 2.28 18.12
HN3 IMD G . 22.97 2.12 15.60
H4 IMD G . 20.54 2.43 14.89
H5 IMD G . 19.17 2.83 17.21
C1 MPD H . 0.63 -11.47 15.32
C2 MPD H . -0.62 -10.99 14.58
O2 MPD H . -0.21 -10.08 13.55
CM MPD H . -1.53 -10.22 15.53
C3 MPD H . -1.35 -12.22 14.01
C4 MPD H . -2.44 -11.91 12.93
O4 MPD H . -2.34 -12.90 11.90
C5 MPD H . -3.83 -11.94 13.52
H11 MPD H . 1.25 -10.62 15.66
H12 MPD H . 0.42 -12.05 16.20
H13 MPD H . 1.27 -12.08 14.68
HO2 MPD H . 0.26 -10.61 12.85
HM1 MPD H . -0.96 -9.51 16.13
HM2 MPD H . -2.29 -9.65 15.00
HM3 MPD H . -2.03 -10.87 16.25
H31 MPD H . -0.62 -12.90 13.58
H32 MPD H . -1.79 -12.81 14.81
H4 MPD H . -2.25 -11.00 12.38
HO4 MPD H . -3.02 -12.69 11.21
H51 MPD H . -4.08 -12.91 13.95
H52 MPD H . -3.95 -11.20 14.31
H53 MPD H . -4.59 -11.71 12.77
C1 MPD I . -0.99 16.28 4.64
C2 MPD I . -2.31 15.93 3.95
O2 MPD I . -3.25 17.00 4.21
CM MPD I . -2.91 14.69 4.58
C3 MPD I . -2.07 15.71 2.43
C4 MPD I . -1.88 17.01 1.59
O4 MPD I . -0.89 16.83 0.57
C5 MPD I . -3.18 17.44 0.95
H11 MPD I . -1.16 16.61 5.67
H12 MPD I . -0.31 15.44 4.71
H13 MPD I . -0.46 17.08 4.14
HO2 MPD I . -2.77 17.87 4.14
HM1 MPD I . -2.77 14.68 5.65
HM2 MPD I . -3.99 14.64 4.41
HM3 MPD I . -2.48 13.77 4.20
H31 MPD I . -1.20 15.06 2.32
H32 MPD I . -2.88 15.11 2.00
H4 MPD I . -1.45 17.82 2.17
HO4 MPD I . -0.74 17.71 0.12
H51 MPD I . -3.50 16.74 0.16
H52 MPD I . -3.99 17.51 1.66
H53 MPD I . -3.09 18.41 0.47
N1 IMD J . 7.70 16.51 -4.21
C2 IMD J . 8.55 16.19 -5.17
N3 IMD J . 9.64 16.92 -5.02
C4 IMD J . 9.48 17.72 -3.93
C5 IMD J . 8.27 17.46 -3.42
HN1 IMD J . 6.77 16.11 -4.07
H2 IMD J . 8.37 15.46 -5.95
HN3 IMD J . 10.46 16.89 -5.61
H4 IMD J . 10.24 18.41 -3.58
H5 IMD J . 7.78 17.89 -2.54
C1 NAG K . -8.10 14.63 9.61
C2 NAG K . -8.38 15.80 10.55
C3 NAG K . -7.53 16.98 10.08
C4 NAG K . -6.07 16.62 10.17
C5 NAG K . -5.79 15.31 9.42
C6 NAG K . -4.40 14.77 9.65
C7 NAG K . -10.63 16.34 9.62
C8 NAG K . -12.09 16.22 9.94
N2 NAG K . -9.80 16.15 10.66
O3 NAG K . -7.80 18.12 10.90
O4 NAG K . -5.25 17.66 9.63
O5 NAG K . -6.72 14.29 9.83
O6 NAG K . -4.04 14.74 11.02
O7 NAG K . -10.24 16.59 8.49
H2 NAG K . -8.03 15.53 11.54
H3 NAG K . -7.77 17.25 9.05
H4 NAG K . -5.83 16.48 11.23
H5 NAG K . -5.90 15.49 8.35
H61 NAG K . -4.24 13.80 9.18
H62 NAG K . -3.65 15.44 9.21
H81 NAG K . -12.34 15.20 10.25
H82 NAG K . -12.35 16.85 10.79
H83 NAG K . -12.76 16.50 9.13
HN2 NAG K . -10.14 16.27 11.60
HO3 NAG K . -7.30 18.87 10.49
HO4 NAG K . -4.42 17.66 10.16
HO6 NAG K . -3.06 14.56 11.08
#